data_5V6X
#
_entry.id   5V6X
#
_cell.length_a   72.620
_cell.length_b   72.620
_cell.length_c   238.580
_cell.angle_alpha   90.00
_cell.angle_beta   90.00
_cell.angle_gamma   120.00
#
_symmetry.space_group_name_H-M   'P 31 2 1'
#
loop_
_entity.id
_entity.type
_entity.pdbx_description
1 polymer 'Pyrrolysine--tRNA ligase'
2 polymer 'RNA (70-MER)'
3 non-polymer 'ZINC ION'
#
loop_
_entity_poly.entity_id
_entity_poly.type
_entity_poly.pdbx_seq_one_letter_code
_entity_poly.pdbx_strand_id
1 'polypeptide(L)'
;MGHHHHHHMNNKPLNTLISATGLWMSRTGTIHKIKHHEVSRSKIYIEMACGDHLVVNNSRSSRPARALRYHKYRKTCKRC
RVSDEDLNKFLTKANEDQTSVKVKVVSAP
;
A,B
2 'polyribonucleotide' GGAAACCUGAUCAUGUAGAUCGAAUGGACUCUAAAUCCGUUCAGCCGGGUUAGAUUCCCGGGGUUUCCGCCA C,D
#
loop_
_chem_comp.id
_chem_comp.type
_chem_comp.name
_chem_comp.formula
A RNA linking ADENOSINE-5'-MONOPHOSPHATE 'C10 H14 N5 O7 P'
C RNA linking CYTIDINE-5'-MONOPHOSPHATE 'C9 H14 N3 O8 P'
G RNA linking GUANOSINE-5'-MONOPHOSPHATE 'C10 H14 N5 O8 P'
U RNA linking URIDINE-5'-MONOPHOSPHATE 'C9 H13 N2 O9 P'
ZN non-polymer 'ZINC ION' 'Zn 2'
#
# COMPACT_ATOMS: atom_id res chain seq x y z
N ASN A 10 1.41 8.79 -4.02
CA ASN A 10 0.01 8.44 -4.29
C ASN A 10 -0.45 7.29 -3.39
N ASN A 11 -1.27 7.63 -2.40
CA ASN A 11 -1.79 6.70 -1.39
C ASN A 11 -0.68 6.02 -0.59
N LYS A 12 0.48 6.63 -0.53
CA LYS A 12 1.63 6.06 0.17
C LYS A 12 1.71 6.60 1.59
N PRO A 13 2.41 5.91 2.48
CA PRO A 13 2.52 6.40 3.86
C PRO A 13 3.25 7.74 3.92
N LEU A 14 2.99 8.48 4.99
CA LEU A 14 3.53 9.84 5.13
C LEU A 14 5.05 9.83 5.16
N ASN A 15 5.65 8.81 5.78
CA ASN A 15 7.11 8.72 5.80
C ASN A 15 7.69 8.64 4.40
N THR A 16 7.01 7.93 3.49
CA THR A 16 7.48 7.83 2.12
C THR A 16 7.43 9.20 1.43
N LEU A 17 6.35 9.94 1.64
CA LEU A 17 6.22 11.25 1.00
C LEU A 17 7.27 12.23 1.51
N ILE A 18 7.46 12.28 2.83
CA ILE A 18 8.48 13.19 3.37
C ILE A 18 9.87 12.74 2.94
N SER A 19 10.14 11.43 2.96
CA SER A 19 11.45 10.94 2.59
C SER A 19 11.74 11.22 1.12
N ALA A 20 10.71 11.27 0.29
CA ALA A 20 10.90 11.60 -1.12
C ALA A 20 11.15 13.09 -1.31
N THR A 21 10.24 13.93 -0.81
CA THR A 21 10.36 15.37 -1.05
C THR A 21 11.40 16.01 -0.14
N GLY A 22 11.51 15.54 1.10
CA GLY A 22 12.31 16.24 2.09
C GLY A 22 11.70 17.53 2.60
N LEU A 23 10.41 17.74 2.35
CA LEU A 23 9.72 18.96 2.75
C LEU A 23 8.45 18.59 3.53
N TRP A 24 7.79 19.62 4.07
CA TRP A 24 6.58 19.45 4.86
C TRP A 24 5.63 20.60 4.58
N MET A 25 4.33 20.32 4.57
CA MET A 25 3.33 21.38 4.47
C MET A 25 2.37 21.27 5.64
N SER A 26 2.22 22.36 6.37
CA SER A 26 1.43 22.38 7.60
C SER A 26 -0.04 22.64 7.27
N ARG A 27 -0.84 22.78 8.34
CA ARG A 27 -2.27 23.02 8.16
C ARG A 27 -2.57 24.38 7.55
N THR A 28 -1.65 25.33 7.64
CA THR A 28 -1.83 26.67 7.09
C THR A 28 -1.29 26.81 5.68
N GLY A 29 -0.86 25.71 5.05
CA GLY A 29 -0.28 25.79 3.74
C GLY A 29 1.13 26.33 3.71
N THR A 30 1.86 26.24 4.81
CA THR A 30 3.23 26.74 4.90
C THR A 30 4.21 25.59 4.68
N ILE A 31 5.20 25.82 3.81
CA ILE A 31 6.19 24.82 3.48
C ILE A 31 7.40 24.99 4.38
N HIS A 32 7.83 23.90 5.00
CA HIS A 32 9.02 23.86 5.84
C HIS A 32 9.99 22.83 5.28
N LYS A 33 11.28 23.06 5.51
CA LYS A 33 12.30 22.09 5.13
C LYS A 33 12.56 21.16 6.29
N ILE A 34 12.57 19.86 6.02
CA ILE A 34 12.77 18.86 7.05
C ILE A 34 14.27 18.64 7.25
N LYS A 35 14.75 18.90 8.46
CA LYS A 35 16.15 18.64 8.79
C LYS A 35 16.35 17.21 9.28
N HIS A 36 15.43 16.71 10.11
CA HIS A 36 15.50 15.34 10.58
C HIS A 36 14.11 14.74 10.61
N HIS A 37 14.04 13.41 10.46
CA HIS A 37 12.81 12.69 10.71
C HIS A 37 13.14 11.23 11.01
N GLU A 38 12.46 10.66 11.99
CA GLU A 38 12.67 9.27 12.38
C GLU A 38 11.34 8.63 12.68
N VAL A 39 11.18 7.38 12.26
CA VAL A 39 9.94 6.64 12.47
C VAL A 39 10.10 5.76 13.70
N SER A 40 9.01 5.58 14.44
CA SER A 40 8.96 4.63 15.53
C SER A 40 7.52 4.13 15.66
N ARG A 41 7.34 2.83 15.44
CA ARG A 41 6.02 2.20 15.42
C ARG A 41 5.15 2.96 14.41
N SER A 42 3.97 3.45 14.79
CA SER A 42 3.08 4.17 13.90
C SER A 42 3.30 5.68 13.95
N LYS A 43 4.37 6.14 14.58
CA LYS A 43 4.60 7.56 14.78
C LYS A 43 5.84 8.02 14.02
N ILE A 44 5.86 9.32 13.70
CA ILE A 44 7.02 9.98 13.10
C ILE A 44 7.39 11.18 13.96
N TYR A 45 8.69 11.35 14.20
CA TYR A 45 9.25 12.48 14.92
C TYR A 45 10.06 13.32 13.94
N ILE A 46 9.65 14.57 13.72
CA ILE A 46 10.18 15.41 12.67
C ILE A 46 10.74 16.70 13.28
N GLU A 47 11.90 17.11 12.77
CA GLU A 47 12.54 18.37 13.15
C GLU A 47 12.77 19.19 11.89
N MET A 48 12.21 20.40 11.85
CA MET A 48 12.35 21.30 10.72
C MET A 48 13.63 22.11 10.84
N ALA A 49 14.05 22.68 9.69
CA ALA A 49 15.24 23.52 9.67
C ALA A 49 15.06 24.76 10.55
N CYS A 50 13.82 25.25 10.69
CA CYS A 50 13.56 26.43 11.50
C CYS A 50 13.52 26.11 13.00
N GLY A 51 13.59 24.84 13.38
CA GLY A 51 13.67 24.44 14.76
C GLY A 51 12.44 23.74 15.30
N ASP A 52 11.32 23.82 14.60
CA ASP A 52 10.09 23.20 15.08
C ASP A 52 10.24 21.69 15.17
N HIS A 53 9.65 21.10 16.21
CA HIS A 53 9.57 19.65 16.37
C HIS A 53 8.11 19.26 16.39
N LEU A 54 7.76 18.23 15.61
CA LEU A 54 6.39 17.74 15.63
C LEU A 54 6.40 16.21 15.64
N VAL A 55 5.32 15.64 16.14
CA VAL A 55 5.13 14.20 16.22
C VAL A 55 3.79 13.89 15.59
N VAL A 56 3.79 13.12 14.50
CA VAL A 56 2.57 12.87 13.74
C VAL A 56 2.40 11.38 13.50
N ASN A 57 1.19 11.00 13.11
CA ASN A 57 0.93 9.63 12.72
C ASN A 57 1.52 9.35 11.33
N ASN A 58 2.00 8.13 11.14
CA ASN A 58 2.50 7.67 9.85
C ASN A 58 1.34 7.04 9.07
N SER A 59 0.43 7.90 8.62
CA SER A 59 -0.81 7.48 8.00
C SER A 59 -0.77 7.71 6.49
N ARG A 60 -1.61 6.95 5.79
CA ARG A 60 -1.85 7.21 4.37
C ARG A 60 -2.98 8.19 4.15
N SER A 61 -3.73 8.54 5.19
CA SER A 61 -4.95 9.31 5.07
C SER A 61 -4.94 10.63 5.82
N SER A 62 -3.81 11.01 6.42
CA SER A 62 -3.78 12.22 7.23
C SER A 62 -3.73 13.46 6.34
N ARG A 63 -4.21 14.57 6.90
CA ARG A 63 -4.10 15.88 6.25
C ARG A 63 -2.69 16.19 5.76
N PRO A 64 -1.62 15.99 6.55
CA PRO A 64 -0.27 16.22 5.98
C PRO A 64 0.03 15.34 4.78
N ALA A 65 -0.41 14.09 4.79
CA ALA A 65 -0.21 13.21 3.64
C ALA A 65 -0.92 13.76 2.42
N ARG A 66 -2.14 14.26 2.58
CA ARG A 66 -2.85 14.86 1.46
C ARG A 66 -2.15 16.14 0.99
N ALA A 67 -1.67 16.95 1.93
CA ALA A 67 -1.05 18.23 1.59
C ALA A 67 0.23 18.03 0.81
N LEU A 68 1.03 17.03 1.18
CA LEU A 68 2.24 16.76 0.40
C LEU A 68 1.88 16.31 -1.01
N ARG A 69 0.71 15.70 -1.18
CA ARG A 69 0.22 15.28 -2.49
C ARG A 69 -0.42 16.42 -3.28
N TYR A 70 -0.36 17.67 -2.79
CA TYR A 70 -0.87 18.81 -3.51
C TYR A 70 0.23 19.46 -4.36
N HIS A 71 -0.19 20.22 -5.36
CA HIS A 71 0.72 20.98 -6.20
C HIS A 71 0.55 22.48 -5.98
N LYS A 72 0.01 22.85 -4.81
CA LYS A 72 -0.24 24.20 -4.39
C LYS A 72 0.53 24.46 -3.09
N TYR A 73 0.61 25.73 -2.70
CA TYR A 73 1.16 26.10 -1.39
C TYR A 73 0.82 27.55 -1.17
N ARG A 74 0.72 27.94 0.11
CA ARG A 74 0.36 29.31 0.44
C ARG A 74 1.57 30.19 0.69
N LYS A 75 2.61 29.67 1.33
CA LYS A 75 3.82 30.42 1.63
C LYS A 75 4.89 29.44 2.06
N THR A 76 6.13 29.91 2.07
CA THR A 76 7.27 29.14 2.55
C THR A 76 7.74 29.70 3.88
N CYS A 77 8.25 28.82 4.73
CA CYS A 77 8.78 29.23 6.02
C CYS A 77 10.02 30.09 5.84
N LYS A 78 10.04 31.26 6.50
CA LYS A 78 11.16 32.17 6.35
C LYS A 78 12.43 31.59 6.96
N ARG A 79 12.33 31.08 8.19
CA ARG A 79 13.52 30.59 8.88
C ARG A 79 14.04 29.28 8.30
N CYS A 80 13.19 28.54 7.58
CA CYS A 80 13.65 27.32 6.93
C CYS A 80 14.50 27.60 5.71
N ARG A 81 14.38 28.79 5.11
CA ARG A 81 15.13 29.19 3.93
C ARG A 81 15.03 28.13 2.82
N VAL A 82 13.78 27.83 2.45
CA VAL A 82 13.52 26.91 1.36
C VAL A 82 14.01 27.52 0.06
N SER A 83 14.87 26.79 -0.66
CA SER A 83 15.41 27.28 -1.92
C SER A 83 14.38 27.16 -3.03
N ASP A 84 14.55 27.98 -4.06
CA ASP A 84 13.67 27.88 -5.23
C ASP A 84 13.77 26.50 -5.86
N GLU A 85 14.95 25.87 -5.78
CA GLU A 85 15.09 24.51 -6.29
C GLU A 85 14.24 23.54 -5.48
N ASP A 86 14.31 23.63 -4.14
CA ASP A 86 13.51 22.73 -3.31
C ASP A 86 12.02 22.95 -3.55
N LEU A 87 11.60 24.22 -3.61
CA LEU A 87 10.21 24.53 -3.91
C LEU A 87 9.78 23.93 -5.25
N ASN A 88 10.65 24.03 -6.26
CA ASN A 88 10.34 23.46 -7.57
C ASN A 88 10.22 21.94 -7.49
N LYS A 89 11.10 21.29 -6.72
CA LYS A 89 11.01 19.85 -6.58
C LYS A 89 9.75 19.43 -5.84
N PHE A 90 9.22 20.31 -4.99
CA PHE A 90 7.94 20.00 -4.37
C PHE A 90 6.79 20.19 -5.34
N LEU A 91 6.84 21.24 -6.16
CA LEU A 91 5.75 21.47 -7.10
C LEU A 91 5.74 20.41 -8.20
N THR A 92 6.91 19.90 -8.59
CA THR A 92 7.04 18.89 -9.63
C THR A 92 7.45 17.56 -8.99
N LYS A 93 6.50 16.89 -8.35
CA LYS A 93 6.82 15.63 -7.67
C LYS A 93 7.40 14.56 -8.60
N ASN B 10 0.46 -2.88 -7.05
CA ASN B 10 0.88 -4.19 -7.54
C ASN B 10 1.22 -5.06 -6.33
N ASN B 11 1.83 -4.43 -5.31
CA ASN B 11 2.22 -5.05 -4.05
C ASN B 11 1.05 -5.16 -3.08
N LYS B 12 -0.12 -5.58 -3.55
CA LYS B 12 -1.34 -5.49 -2.77
C LYS B 12 -1.50 -6.67 -1.81
N PRO B 13 -2.27 -6.49 -0.75
CA PRO B 13 -2.52 -7.59 0.19
C PRO B 13 -3.28 -8.73 -0.46
N LEU B 14 -3.18 -9.91 0.18
CA LEU B 14 -3.76 -11.12 -0.39
C LEU B 14 -5.27 -11.02 -0.53
N ASN B 15 -5.94 -10.34 0.39
CA ASN B 15 -7.40 -10.20 0.31
C ASN B 15 -7.81 -9.50 -0.99
N THR B 16 -7.04 -8.52 -1.44
CA THR B 16 -7.36 -7.84 -2.69
C THR B 16 -7.23 -8.77 -3.88
N LEU B 17 -6.16 -9.55 -3.93
CA LEU B 17 -5.96 -10.48 -5.03
C LEU B 17 -7.06 -11.52 -5.06
N ILE B 18 -7.47 -12.01 -3.89
CA ILE B 18 -8.57 -12.95 -3.78
C ILE B 18 -9.85 -12.31 -4.29
N SER B 19 -10.09 -11.05 -3.91
CA SER B 19 -11.32 -10.38 -4.34
C SER B 19 -11.34 -10.14 -5.83
N ALA B 20 -10.18 -9.94 -6.45
CA ALA B 20 -10.11 -9.71 -7.88
C ALA B 20 -10.30 -11.01 -8.65
N THR B 21 -9.46 -12.02 -8.38
CA THR B 21 -9.50 -13.24 -9.18
C THR B 21 -10.65 -14.15 -8.76
N GLY B 22 -10.96 -14.21 -7.47
CA GLY B 22 -11.88 -15.23 -7.00
C GLY B 22 -11.31 -16.62 -7.01
N LEU B 23 -10.00 -16.76 -7.17
CA LEU B 23 -9.32 -18.04 -7.29
C LEU B 23 -8.19 -18.12 -6.26
N TRP B 24 -7.60 -19.30 -6.17
CA TRP B 24 -6.51 -19.55 -5.22
C TRP B 24 -5.50 -20.48 -5.87
N MET B 25 -4.22 -20.28 -5.59
CA MET B 25 -3.17 -21.16 -6.07
C MET B 25 -2.38 -21.70 -4.90
N SER B 26 -2.30 -23.03 -4.81
CA SER B 26 -1.67 -23.71 -3.69
C SER B 26 -0.18 -23.86 -3.93
N ARG B 27 0.50 -24.52 -3.00
CA ARG B 27 1.93 -24.74 -3.13
C ARG B 27 2.28 -25.70 -4.26
N THR B 28 1.32 -26.52 -4.70
CA THR B 28 1.56 -27.46 -5.80
C THR B 28 1.21 -26.88 -7.16
N GLY B 29 0.88 -25.59 -7.23
CA GLY B 29 0.50 -24.98 -8.49
C GLY B 29 -0.89 -25.32 -8.96
N THR B 30 -1.79 -25.70 -8.05
CA THR B 30 -3.15 -26.07 -8.41
C THR B 30 -4.09 -24.89 -8.20
N ILE B 31 -4.94 -24.64 -9.20
CA ILE B 31 -5.91 -23.53 -9.15
C ILE B 31 -7.21 -24.06 -8.57
N HIS B 32 -7.73 -23.36 -7.57
CA HIS B 32 -9.01 -23.68 -6.95
C HIS B 32 -9.93 -22.47 -7.04
N LYS B 33 -11.23 -22.75 -7.08
CA LYS B 33 -12.25 -21.71 -7.07
C LYS B 33 -12.65 -21.40 -5.63
N ILE B 34 -12.69 -20.12 -5.28
CA ILE B 34 -13.05 -19.70 -3.94
C ILE B 34 -14.56 -19.57 -3.86
N LYS B 35 -15.18 -20.34 -2.96
CA LYS B 35 -16.61 -20.24 -2.73
C LYS B 35 -16.95 -19.17 -1.71
N HIS B 36 -16.19 -19.10 -0.61
CA HIS B 36 -16.38 -18.07 0.40
C HIS B 36 -15.02 -17.62 0.90
N HIS B 37 -14.96 -16.37 1.35
CA HIS B 37 -13.79 -15.93 2.08
C HIS B 37 -14.19 -14.73 2.93
N GLU B 38 -13.68 -14.70 4.15
CA GLU B 38 -13.94 -13.60 5.07
C GLU B 38 -12.64 -13.27 5.80
N VAL B 39 -12.34 -11.99 5.92
CA VAL B 39 -11.13 -11.55 6.59
C VAL B 39 -11.49 -11.13 8.00
N SER B 40 -10.57 -11.36 8.93
CA SER B 40 -10.72 -10.89 10.30
C SER B 40 -9.33 -10.55 10.83
N ARG B 41 -9.13 -9.28 11.17
CA ARG B 41 -7.83 -8.79 11.61
C ARG B 41 -6.78 -9.10 10.56
N SER B 42 -5.73 -9.82 10.94
CA SER B 42 -4.63 -10.16 10.03
C SER B 42 -4.82 -11.50 9.34
N LYS B 43 -5.97 -12.16 9.51
CA LYS B 43 -6.17 -13.49 8.95
C LYS B 43 -7.29 -13.48 7.92
N ILE B 44 -7.22 -14.46 7.02
CA ILE B 44 -8.27 -14.70 6.03
C ILE B 44 -8.72 -16.14 6.17
N TYR B 45 -10.03 -16.33 6.16
CA TYR B 45 -10.67 -17.63 6.26
C TYR B 45 -11.32 -17.94 4.91
N ILE B 46 -10.85 -19.00 4.26
CA ILE B 46 -11.21 -19.27 2.87
C ILE B 46 -11.87 -20.64 2.80
N GLU B 47 -12.94 -20.72 2.01
CA GLU B 47 -13.63 -21.96 1.72
C GLU B 47 -13.65 -22.13 0.21
N MET B 48 -13.08 -23.23 -0.27
CA MET B 48 -13.00 -23.54 -1.68
C MET B 48 -14.26 -24.28 -2.14
N ALA B 49 -14.48 -24.26 -3.45
CA ALA B 49 -15.62 -24.99 -4.02
C ALA B 49 -15.50 -26.48 -3.80
N CYS B 50 -14.27 -27.01 -3.73
CA CYS B 50 -14.01 -28.43 -3.54
C CYS B 50 -14.15 -28.87 -2.09
N GLY B 51 -14.38 -27.95 -1.16
CA GLY B 51 -14.61 -28.28 0.23
C GLY B 51 -13.51 -27.87 1.19
N ASP B 52 -12.33 -27.53 0.70
CA ASP B 52 -11.22 -27.18 1.57
C ASP B 52 -11.50 -25.91 2.36
N HIS B 53 -11.02 -25.90 3.60
CA HIS B 53 -11.04 -24.72 4.46
C HIS B 53 -9.60 -24.34 4.78
N LEU B 54 -9.29 -23.05 4.68
CA LEU B 54 -7.95 -22.56 4.96
C LEU B 54 -7.98 -21.32 5.82
N VAL B 55 -6.90 -21.12 6.56
CA VAL B 55 -6.66 -19.93 7.37
C VAL B 55 -5.27 -19.43 7.02
N VAL B 56 -5.19 -18.23 6.45
CA VAL B 56 -3.90 -17.73 5.99
C VAL B 56 -3.69 -16.33 6.50
N ASN B 57 -2.43 -15.88 6.44
CA ASN B 57 -2.11 -14.50 6.77
C ASN B 57 -2.54 -13.60 5.62
N ASN B 58 -3.03 -12.41 5.97
CA ASN B 58 -3.36 -11.40 4.96
C ASN B 58 -2.13 -10.52 4.73
N SER B 59 -1.15 -11.11 4.05
CA SER B 59 0.14 -10.47 3.82
C SER B 59 0.26 -10.05 2.36
N ARG B 60 1.14 -9.08 2.12
CA ARG B 60 1.57 -8.71 0.77
C ARG B 60 2.76 -9.52 0.30
N SER B 61 3.37 -10.31 1.17
CA SER B 61 4.63 -10.99 0.89
C SER B 61 4.53 -12.50 1.00
N SER B 62 3.34 -13.05 1.19
CA SER B 62 3.22 -14.50 1.37
C SER B 62 3.35 -15.21 0.02
N ARG B 63 3.77 -16.47 0.09
CA ARG B 63 3.80 -17.32 -1.11
C ARG B 63 2.48 -17.30 -1.89
N PRO B 64 1.31 -17.44 -1.27
CA PRO B 64 0.08 -17.33 -2.07
C PRO B 64 -0.07 -15.99 -2.76
N ALA B 65 0.32 -14.90 -2.09
CA ALA B 65 0.26 -13.59 -2.72
C ALA B 65 1.13 -13.52 -3.96
N ARG B 66 2.35 -14.07 -3.88
CA ARG B 66 3.21 -14.08 -5.06
C ARG B 66 2.65 -14.97 -6.17
N ALA B 67 2.08 -16.12 -5.78
CA ALA B 67 1.54 -17.03 -6.79
C ALA B 67 0.37 -16.40 -7.53
N LEU B 68 -0.50 -15.70 -6.80
CA LEU B 68 -1.61 -15.01 -7.46
C LEU B 68 -1.11 -13.87 -8.35
N ARG B 69 0.02 -13.26 -8.03
CA ARG B 69 0.54 -12.18 -8.86
C ARG B 69 1.26 -12.67 -10.10
N TYR B 70 1.31 -13.98 -10.32
CA TYR B 70 1.83 -14.56 -11.56
C TYR B 70 0.67 -14.93 -12.48
N HIS B 71 1.01 -15.16 -13.74
CA HIS B 71 0.04 -15.54 -14.76
C HIS B 71 0.21 -17.00 -15.18
N LYS B 72 0.75 -17.81 -14.29
CA LYS B 72 0.99 -19.22 -14.56
C LYS B 72 0.23 -20.08 -13.56
N TYR B 73 0.12 -21.37 -13.89
CA TYR B 73 -0.41 -22.41 -13.02
C TYR B 73 -0.10 -23.76 -13.64
N ARG B 74 0.01 -24.77 -12.79
CA ARG B 74 0.43 -26.11 -13.22
C ARG B 74 -0.76 -27.01 -13.57
N LYS B 75 -1.86 -26.88 -12.83
CA LYS B 75 -3.04 -27.71 -13.05
C LYS B 75 -4.21 -27.03 -12.35
N THR B 76 -5.41 -27.48 -12.69
CA THR B 76 -6.62 -26.99 -12.07
C THR B 76 -7.23 -28.06 -11.18
N CYS B 77 -7.85 -27.64 -10.08
CA CYS B 77 -8.57 -28.57 -9.23
C CYS B 77 -9.78 -29.11 -9.97
N LYS B 78 -9.90 -30.44 -10.01
CA LYS B 78 -11.00 -31.04 -10.74
C LYS B 78 -12.33 -30.80 -10.05
N ARG B 79 -12.38 -30.96 -8.73
CA ARG B 79 -13.65 -30.81 -8.01
C ARG B 79 -14.11 -29.36 -7.93
N CYS B 80 -13.20 -28.39 -8.09
CA CYS B 80 -13.62 -27.00 -8.09
C CYS B 80 -14.33 -26.61 -9.37
N ARG B 81 -14.13 -27.36 -10.46
CA ARG B 81 -14.79 -27.12 -11.74
C ARG B 81 -14.60 -25.67 -12.19
N VAL B 82 -13.34 -25.23 -12.21
CA VAL B 82 -13.04 -23.86 -12.61
C VAL B 82 -13.35 -23.68 -14.09
N SER B 83 -14.13 -22.64 -14.40
CA SER B 83 -14.51 -22.39 -15.78
C SER B 83 -13.35 -21.81 -16.58
N ASP B 84 -13.36 -22.06 -17.88
CA ASP B 84 -12.32 -21.52 -18.76
C ASP B 84 -12.32 -20.00 -18.78
N GLU B 85 -13.48 -19.37 -18.61
CA GLU B 85 -13.52 -17.91 -18.61
C GLU B 85 -12.75 -17.32 -17.43
N ASP B 86 -13.00 -17.85 -16.23
CA ASP B 86 -12.27 -17.37 -15.05
C ASP B 86 -10.78 -17.65 -15.18
N LEU B 87 -10.43 -18.86 -15.66
CA LEU B 87 -9.03 -19.18 -15.89
C LEU B 87 -8.39 -18.19 -16.84
N ASN B 88 -9.10 -17.81 -17.91
CA ASN B 88 -8.57 -16.83 -18.85
C ASN B 88 -8.38 -15.47 -18.20
N LYS B 89 -9.33 -15.04 -17.37
CA LYS B 89 -9.18 -13.75 -16.72
C LYS B 89 -8.02 -13.76 -15.74
N PHE B 90 -7.71 -14.93 -15.17
CA PHE B 90 -6.54 -15.05 -14.31
C PHE B 90 -5.24 -15.04 -15.10
N LEU B 91 -5.23 -15.72 -16.26
CA LEU B 91 -4.02 -15.81 -17.07
C LEU B 91 -3.70 -14.49 -17.76
N THR B 92 -4.70 -13.67 -18.07
CA THR B 92 -4.48 -12.43 -18.81
C THR B 92 -4.55 -11.19 -17.94
N LYS B 93 -4.72 -11.34 -16.63
CA LYS B 93 -4.83 -10.20 -15.72
C LYS B 93 -3.62 -9.26 -15.83
ZN ZN E . 9.85 26.17 9.16
ZN ZN F . -10.33 -27.26 -5.18
#